data_6ES2
#
_entry.id   6ES2
#
_cell.length_a   70.248
_cell.length_b   46.695
_cell.length_c   128.634
_cell.angle_alpha   90.000
_cell.angle_beta   101.400
_cell.angle_gamma   90.000
#
_symmetry.space_group_name_H-M   'I 1 2 1'
#
loop_
_entity.id
_entity.type
_entity.pdbx_description
1 polymer "DNA (5'-D(P*TP*TP*GP*TP*GP*TP*TP*TP*TP*AP*TP*TP*GP*CP*CP*TP*CP*C)-3')"
2 polymer 'Homeobox protein CDX-2'
3 polymer "DNA (5'-D(P*GP*GP*AP*GP*GP*CP*AP*AP*TP*AP*AP*AP*AP*CP*AP*CP*AP*A)-3')"
4 water water
#
loop_
_entity_poly.entity_id
_entity_poly.type
_entity_poly.pdbx_seq_one_letter_code
_entity_poly.pdbx_strand_id
1 'polydeoxyribonucleotide' (DT)(DT)(DG)(DT)(DG)(DT)(DT)(DT)(DT)(DA)(DT)(DT)(DG)(DC)(DC)(DT)(DC)(DC) A,B
2 'polypeptide(L)' KDKYRVVYTDHQRLELEKEFHYSRYITIRRKAELAATLGLSERQVKIWFQNRRAKERKINKKKLQQQQQQQ K,L
3 'polydeoxyribonucleotide' (DG)(DG)(DA)(DG)(DG)(DC)(DA)(DA)(DT)(DA)(DA)(DA)(DA)(DC)(DA)(DC)(DA)(DA) D,E
#
# COMPACT_ATOMS: atom_id res chain seq x y z
N ASP B 2 8.46 -11.94 -27.90
CA ASP B 2 8.79 -13.07 -26.99
C ASP B 2 8.04 -12.89 -25.66
N LYS B 3 8.21 -11.75 -25.00
CA LYS B 3 7.79 -11.59 -23.56
C LYS B 3 6.38 -12.07 -23.24
N TYR B 4 6.25 -12.72 -22.09
CA TYR B 4 4.98 -13.36 -21.62
C TYR B 4 4.37 -12.60 -20.42
N ARG B 5 5.30 -12.06 -19.59
CA ARG B 5 5.02 -11.01 -18.63
C ARG B 5 6.20 -10.08 -18.36
N VAL B 6 5.97 -8.78 -18.34
CA VAL B 6 6.93 -7.79 -17.84
C VAL B 6 6.91 -7.80 -16.30
N VAL B 7 8.00 -7.40 -15.68
CA VAL B 7 8.06 -7.19 -14.22
C VAL B 7 7.97 -5.71 -13.96
N TYR B 8 7.09 -5.31 -13.07
CA TYR B 8 6.87 -3.90 -12.83
C TYR B 8 7.88 -3.40 -11.84
N THR B 9 8.39 -2.20 -12.04
CA THR B 9 9.38 -1.60 -11.14
C THR B 9 8.80 -1.34 -9.75
N ASP B 10 9.66 -1.44 -8.74
CA ASP B 10 9.28 -1.18 -7.36
C ASP B 10 8.52 0.18 -7.22
N HIS B 11 8.95 1.18 -8.00
CA HIS B 11 8.22 2.47 -8.03
C HIS B 11 6.80 2.28 -8.48
N GLN B 12 6.67 1.65 -9.65
CA GLN B 12 5.36 1.43 -10.25
C GLN B 12 4.48 0.69 -9.29
N ARG B 13 4.98 -0.40 -8.71
CA ARG B 13 4.17 -1.10 -7.71
C ARG B 13 3.73 -0.18 -6.53
N LEU B 14 4.65 0.62 -6.03
CA LEU B 14 4.37 1.44 -4.88
C LEU B 14 3.17 2.35 -5.07
N GLU B 15 3.24 3.14 -6.16
CA GLU B 15 2.14 4.00 -6.55
C GLU B 15 0.82 3.25 -6.65
N LEU B 16 0.87 2.08 -7.28
CA LEU B 16 -0.35 1.29 -7.45
C LEU B 16 -0.89 0.83 -6.11
N GLU B 17 -0.04 0.30 -5.23
CA GLU B 17 -0.52 -0.01 -3.87
C GLU B 17 -1.12 1.18 -3.14
N LYS B 18 -0.46 2.34 -3.27
CA LYS B 18 -0.98 3.54 -2.58
C LYS B 18 -2.37 3.91 -3.07
N GLU B 19 -2.46 4.05 -4.37
CA GLU B 19 -3.74 4.27 -5.02
C GLU B 19 -4.81 3.23 -4.63
N PHE B 20 -4.38 1.97 -4.58
CA PHE B 20 -5.30 0.92 -4.16
C PHE B 20 -5.79 1.19 -2.75
N HIS B 21 -4.92 1.65 -1.86
CA HIS B 21 -5.39 1.98 -0.51
C HIS B 21 -6.31 3.17 -0.55
N TYR B 22 -6.04 4.14 -1.43
CA TYR B 22 -6.98 5.26 -1.61
C TYR B 22 -8.38 4.74 -2.02
N SER B 23 -8.46 3.87 -3.03
CA SER B 23 -9.76 3.22 -3.34
C SER B 23 -9.58 1.91 -4.06
N ARG B 24 -10.40 0.92 -3.72
CA ARG B 24 -10.23 -0.41 -4.29
CA ARG B 24 -10.22 -0.40 -4.31
C ARG B 24 -10.58 -0.48 -5.80
N TYR B 25 -11.37 0.47 -6.31
CA TYR B 25 -11.81 0.53 -7.69
C TYR B 25 -11.41 1.87 -8.20
N ILE B 26 -10.70 1.85 -9.28
CA ILE B 26 -10.10 3.00 -9.84
C ILE B 26 -11.06 3.64 -10.84
N THR B 27 -11.05 4.97 -10.93
CA THR B 27 -11.97 5.70 -11.76
C THR B 27 -11.34 5.85 -13.10
N ILE B 28 -12.17 6.09 -14.06
CA ILE B 28 -11.74 6.15 -15.45
C ILE B 28 -10.70 7.28 -15.65
N ARG B 29 -11.01 8.40 -15.01
CA ARG B 29 -10.12 9.59 -15.06
C ARG B 29 -8.80 9.22 -14.39
N ARG B 30 -8.85 8.84 -13.09
CA ARG B 30 -7.63 8.50 -12.36
C ARG B 30 -6.80 7.51 -13.10
N LYS B 31 -7.44 6.43 -13.55
CA LYS B 31 -6.76 5.38 -14.34
C LYS B 31 -5.92 6.01 -15.42
N ALA B 32 -6.55 6.93 -16.14
CA ALA B 32 -5.84 7.57 -17.24
C ALA B 32 -4.61 8.43 -16.72
N GLU B 33 -4.80 9.16 -15.60
CA GLU B 33 -3.69 9.94 -15.00
C GLU B 33 -2.54 8.99 -14.65
N LEU B 34 -2.83 8.09 -13.72
CA LEU B 34 -1.88 7.08 -13.29
C LEU B 34 -1.17 6.40 -14.40
N ALA B 35 -1.89 5.88 -15.38
CA ALA B 35 -1.17 5.23 -16.52
C ALA B 35 -0.12 6.16 -17.15
N ALA B 36 -0.57 7.38 -17.41
CA ALA B 36 0.29 8.35 -18.08
C ALA B 36 1.47 8.67 -17.23
N THR B 37 1.29 8.90 -15.92
CA THR B 37 2.44 9.23 -15.06
C THR B 37 3.33 8.02 -14.83
N LEU B 38 2.80 6.80 -14.92
CA LEU B 38 3.60 5.63 -14.55
C LEU B 38 4.24 4.92 -15.69
N GLY B 39 3.81 5.19 -16.92
CA GLY B 39 4.42 4.55 -18.07
C GLY B 39 3.91 3.11 -18.15
N LEU B 40 2.60 2.92 -17.98
CA LEU B 40 1.95 1.68 -18.31
C LEU B 40 0.74 2.04 -19.05
N SER B 41 0.11 1.04 -19.63
CA SER B 41 -1.15 1.23 -20.28
C SER B 41 -2.39 1.11 -19.35
N GLU B 42 -3.45 1.78 -19.83
CA GLU B 42 -4.71 1.77 -19.15
C GLU B 42 -5.14 0.34 -18.90
N ARG B 43 -4.89 -0.51 -19.88
CA ARG B 43 -5.30 -1.89 -19.79
C ARG B 43 -4.54 -2.59 -18.67
N GLN B 44 -3.23 -2.31 -18.64
CA GLN B 44 -2.41 -2.91 -17.60
C GLN B 44 -2.87 -2.46 -16.20
N VAL B 45 -3.22 -1.18 -16.11
CA VAL B 45 -3.68 -0.70 -14.84
C VAL B 45 -5.00 -1.33 -14.50
N LYS B 46 -5.95 -1.40 -15.44
CA LYS B 46 -7.17 -2.15 -15.20
C LYS B 46 -6.94 -3.49 -14.63
N ILE B 47 -6.10 -4.23 -15.32
CA ILE B 47 -5.86 -5.63 -15.01
C ILE B 47 -5.22 -5.75 -13.64
N TRP B 48 -4.29 -4.85 -13.36
CA TRP B 48 -3.55 -4.94 -12.09
C TRP B 48 -4.54 -4.77 -10.96
N PHE B 49 -5.46 -3.82 -11.16
CA PHE B 49 -6.49 -3.59 -10.15
C PHE B 49 -7.41 -4.77 -10.02
N GLN B 50 -7.75 -5.39 -11.16
CA GLN B 50 -8.50 -6.63 -10.97
C GLN B 50 -7.73 -7.65 -10.16
N ASN B 51 -6.47 -7.91 -10.50
CA ASN B 51 -5.70 -8.91 -9.72
C ASN B 51 -5.61 -8.56 -8.19
N ARG B 52 -5.35 -7.29 -7.93
CA ARG B 52 -5.21 -6.89 -6.53
C ARG B 52 -6.49 -7.15 -5.72
N ARG B 53 -7.66 -6.88 -6.32
CA ARG B 53 -8.91 -7.25 -5.64
C ARG B 53 -9.01 -8.74 -5.44
N ALA B 54 -8.49 -9.54 -6.37
CA ALA B 54 -8.55 -11.03 -6.11
C ALA B 54 -7.63 -11.50 -4.96
N LYS B 55 -6.49 -10.82 -4.93
CA LYS B 55 -5.54 -11.09 -3.89
C LYS B 55 -6.22 -10.72 -2.58
N GLU B 56 -6.91 -9.57 -2.57
CA GLU B 56 -7.53 -9.11 -1.33
C GLU B 56 -8.61 -10.10 -0.93
N ARG B 57 -9.44 -10.54 -1.89
CA ARG B 57 -10.46 -11.52 -1.46
C ARG B 57 -9.83 -12.77 -0.82
N LYS B 58 -8.77 -13.22 -1.50
CA LYS B 58 -8.04 -14.39 -1.03
C LYS B 58 -7.43 -14.17 0.36
N ILE B 59 -6.78 -13.06 0.61
CA ILE B 59 -6.29 -12.72 2.00
C ILE B 59 -7.41 -12.58 3.04
N ASN B 60 -8.55 -12.02 2.62
CA ASN B 60 -9.67 -11.85 3.54
C ASN B 60 -10.30 -13.19 3.97
N LYS B 61 -10.58 -14.07 2.99
CA LYS B 61 -11.01 -15.43 3.37
C LYS B 61 -10.12 -16.12 4.43
N LYS B 62 -8.83 -15.92 4.27
CA LYS B 62 -7.84 -16.50 5.19
C LYS B 62 -7.91 -15.80 6.52
N LYS B 63 -8.00 -14.49 6.51
CA LYS B 63 -8.15 -13.76 7.80
C LYS B 63 -9.34 -14.35 8.51
N LEU B 64 -10.44 -14.55 7.78
CA LEU B 64 -11.65 -15.16 8.37
C LEU B 64 -11.42 -16.58 8.93
N GLN B 65 -10.84 -17.43 8.08
CA GLN B 65 -10.47 -18.79 8.52
C GLN B 65 -9.63 -18.78 9.77
N GLN B 66 -8.67 -17.87 9.90
CA GLN B 66 -7.90 -17.81 11.15
C GLN B 66 -8.77 -17.39 12.29
N GLN B 67 -9.74 -16.48 12.08
CA GLN B 67 -10.49 -15.92 13.19
C GLN B 67 -11.56 -16.89 13.68
N GLN B 68 -12.09 -17.71 12.77
CA GLN B 68 -12.93 -18.84 13.15
C GLN B 68 -12.20 -19.86 14.05
N GLN B 69 -10.88 -19.95 13.93
CA GLN B 69 -9.98 -20.83 14.70
C GLN B 69 -9.41 -20.37 16.12
N GLN B 70 -10.28 -19.83 16.98
CA GLN B 70 -9.94 -19.42 18.36
C GLN B 70 -11.21 -19.24 19.25
N GLN B 71 -11.05 -19.51 20.56
CA GLN B 71 -12.15 -19.53 21.61
C GLN B 71 -13.28 -20.57 21.33
N LYS D 1 23.35 11.84 12.95
CA LYS D 1 24.14 13.06 13.37
C LYS D 1 25.06 13.67 12.31
N ASP D 2 25.36 12.93 11.26
CA ASP D 2 25.83 13.53 10.03
C ASP D 2 24.62 13.82 9.20
N LYS D 3 23.83 12.80 8.82
CA LYS D 3 22.47 12.98 8.19
C LYS D 3 21.33 13.19 9.20
N TYR D 4 20.27 13.86 8.73
CA TYR D 4 19.10 14.28 9.57
C TYR D 4 17.83 13.48 9.22
N ARG D 5 17.76 13.06 7.92
CA ARG D 5 16.89 11.99 7.49
C ARG D 5 17.43 11.13 6.35
N VAL D 6 17.33 9.82 6.47
CA VAL D 6 17.62 8.87 5.41
C VAL D 6 16.42 8.84 4.44
N VAL D 7 16.66 8.49 3.18
CA VAL D 7 15.57 8.25 2.22
C VAL D 7 15.40 6.75 2.07
N TYR D 8 14.17 6.29 2.20
CA TYR D 8 13.94 4.85 2.17
C TYR D 8 13.80 4.42 0.72
N THR D 9 14.33 3.25 0.40
CA THR D 9 14.24 2.71 -0.96
C THR D 9 12.80 2.39 -1.35
N ASP D 10 12.50 2.55 -2.64
CA ASP D 10 11.16 2.25 -3.15
C ASP D 10 10.69 0.82 -2.72
N HIS D 11 11.63 -0.13 -2.65
CA HIS D 11 11.30 -1.47 -2.12
C HIS D 11 10.79 -1.39 -0.69
N GLN D 12 11.62 -0.74 0.16
CA GLN D 12 11.28 -0.61 1.55
C GLN D 12 9.94 0.05 1.71
N ARG D 13 9.73 1.16 1.02
CA ARG D 13 8.39 1.77 1.08
C ARG D 13 7.24 0.81 0.68
N LEU D 14 7.44 0.07 -0.39
CA LEU D 14 6.41 -0.79 -0.92
C LEU D 14 5.90 -1.80 0.12
N GLU D 15 6.84 -2.55 0.69
CA GLU D 15 6.55 -3.47 1.75
C GLU D 15 5.78 -2.83 2.89
N LEU D 16 6.23 -1.65 3.31
CA LEU D 16 5.58 -0.95 4.40
C LEU D 16 4.16 -0.55 4.03
N GLU D 17 3.95 0.01 2.84
CA GLU D 17 2.57 0.25 2.40
C GLU D 17 1.69 -1.00 2.39
N LYS D 18 2.27 -2.09 1.88
CA LYS D 18 1.50 -3.35 1.83
C LYS D 18 1.04 -3.80 3.20
N GLU D 19 2.04 -3.93 4.07
CA GLU D 19 1.77 -4.22 5.46
C GLU D 19 0.74 -3.25 6.11
N PHE D 20 0.87 -1.97 5.80
CA PHE D 20 -0.09 -0.99 6.29
C PHE D 20 -1.48 -1.32 5.80
N HIS D 21 -1.62 -1.75 4.56
CA HIS D 21 -2.95 -2.15 4.07
C HIS D 21 -3.41 -3.40 4.77
N TYR D 22 -2.49 -4.32 5.08
CA TYR D 22 -2.86 -5.50 5.89
C TYR D 22 -3.42 -5.05 7.26
N SER D 23 -2.74 -4.16 7.98
CA SER D 23 -3.31 -3.60 9.22
C SER D 23 -2.70 -2.26 9.58
N ARG D 24 -3.54 -1.32 10.03
CA ARG D 24 -3.02 0.02 10.31
C ARG D 24 -2.07 0.08 11.52
N TYR D 25 -2.11 -0.91 12.43
CA TYR D 25 -1.29 -0.98 13.62
C TYR D 25 -0.57 -2.28 13.55
N ILE D 26 0.72 -2.20 13.66
CA ILE D 26 1.61 -3.30 13.46
C ILE D 26 1.86 -3.94 14.80
N THR D 27 2.03 -5.26 14.82
CA THR D 27 2.18 -6.00 16.07
C THR D 27 3.63 -6.06 16.37
N ILE D 28 3.91 -6.31 17.61
CA ILE D 28 5.27 -6.32 18.13
C ILE D 28 6.13 -7.39 17.38
N ARG D 29 5.50 -8.54 17.19
CA ARG D 29 6.15 -9.65 16.47
C ARG D 29 6.40 -9.22 15.03
N ARG D 30 5.31 -8.90 14.30
CA ARG D 30 5.46 -8.49 12.89
C ARG D 30 6.48 -7.42 12.71
N LYS D 31 6.37 -6.37 13.54
CA LYS D 31 7.34 -5.26 13.51
C LYS D 31 8.75 -5.79 13.49
N ALA D 32 9.00 -6.73 14.40
CA ALA D 32 10.35 -7.28 14.47
C ALA D 32 10.73 -8.06 13.15
N GLU D 33 9.78 -8.85 12.60
CA GLU D 33 10.03 -9.56 11.33
C GLU D 33 10.38 -8.55 10.24
N LEU D 34 9.43 -7.70 9.94
CA LEU D 34 9.58 -6.65 8.95
C LEU D 34 10.86 -5.88 9.08
N ALA D 35 11.15 -5.39 10.28
CA ALA D 35 12.48 -4.66 10.44
C ALA D 35 13.66 -5.50 9.96
N ALA D 36 13.67 -6.74 10.41
CA ALA D 36 14.79 -7.63 10.12
C ALA D 36 14.84 -7.89 8.66
N THR D 37 13.72 -8.17 8.00
CA THR D 37 13.77 -8.45 6.54
C THR D 37 14.05 -7.17 5.76
N LEU D 38 13.73 -6.00 6.27
CA LEU D 38 13.85 -4.79 5.44
C LEU D 38 15.11 -4.01 5.68
N GLY D 39 15.84 -4.29 6.76
CA GLY D 39 17.07 -3.59 7.01
C GLY D 39 16.76 -2.19 7.54
N LEU D 40 15.81 -2.08 8.46
CA LEU D 40 15.60 -0.88 9.22
C LEU D 40 15.42 -1.29 10.62
N SER D 41 15.42 -0.32 11.50
CA SER D 41 15.17 -0.58 12.89
C SER D 41 13.68 -0.57 13.31
N GLU D 42 13.43 -1.31 14.40
CA GLU D 42 12.13 -1.41 14.96
C GLU D 42 11.58 -0.02 15.22
N ARG D 43 12.45 0.87 15.68
CA ARG D 43 12.04 2.20 16.00
C ARG D 43 11.58 2.94 14.71
N GLN D 44 12.37 2.76 13.67
CA GLN D 44 12.02 3.39 12.40
C GLN D 44 10.67 2.85 11.86
N VAL D 45 10.46 1.56 12.05
CA VAL D 45 9.22 1.01 11.62
C VAL D 45 8.09 1.55 12.47
N LYS D 46 8.25 1.58 13.80
CA LYS D 46 7.27 2.25 14.63
C LYS D 46 6.88 3.58 14.14
N ILE D 47 7.89 4.40 13.93
CA ILE D 47 7.71 5.79 13.60
C ILE D 47 7.00 5.93 12.26
N TRP D 48 7.41 5.08 11.33
CA TRP D 48 6.86 5.19 9.97
C TRP D 48 5.36 4.94 10.05
N PHE D 49 5.02 3.94 10.87
CA PHE D 49 3.61 3.60 11.07
C PHE D 49 2.88 4.71 11.76
N GLN D 50 3.53 5.33 12.75
CA GLN D 50 2.84 6.51 13.28
C GLN D 50 2.60 7.55 12.23
N ASN D 51 3.63 7.91 11.42
CA ASN D 51 3.40 8.96 10.40
C ASN D 51 2.27 8.58 9.39
N ARG D 52 2.30 7.32 8.97
CA ARG D 52 1.31 6.90 7.97
C ARG D 52 -0.13 7.05 8.50
N ARG D 53 -0.35 6.70 9.78
CA ARG D 53 -1.68 6.95 10.37
C ARG D 53 -2.00 8.42 10.39
N ALA D 54 -1.01 9.28 10.58
CA ALA D 54 -1.35 10.75 10.53
C ALA D 54 -1.73 11.27 9.12
N LYS D 55 -1.00 10.68 8.17
CA LYS D 55 -1.27 10.98 6.81
C LYS D 55 -2.69 10.53 6.52
N GLU D 56 -3.04 9.34 7.01
CA GLU D 56 -4.36 8.81 6.72
C GLU D 56 -5.41 9.71 7.38
N ARG D 57 -5.18 10.11 8.64
CA ARG D 57 -6.20 11.01 9.21
C ARG D 57 -6.40 12.29 8.37
N LYS D 58 -5.24 12.83 7.97
CA LYS D 58 -5.23 14.03 7.14
C LYS D 58 -5.97 13.82 5.80
N ILE D 59 -5.70 12.75 5.10
CA ILE D 59 -6.48 12.43 3.85
C ILE D 59 -7.97 12.18 4.10
N ASN D 60 -8.29 11.54 5.24
CA ASN D 60 -9.70 11.27 5.56
C ASN D 60 -10.50 12.54 5.85
N LYS D 61 -9.96 13.42 6.70
CA LYS D 61 -10.62 14.75 6.87
C LYS D 61 -10.97 15.46 5.53
N LYS D 62 -10.05 15.36 4.60
CA LYS D 62 -10.22 15.99 3.29
C LYS D 62 -11.29 15.23 2.49
N LYS D 63 -11.23 13.91 2.52
CA LYS D 63 -12.28 13.14 1.82
C LYS D 63 -13.61 13.60 2.36
N LEU D 64 -13.71 13.75 3.70
CA LEU D 64 -14.95 14.22 4.31
C LEU D 64 -15.37 15.63 3.85
N GLN D 65 -14.42 16.57 3.95
CA GLN D 65 -14.65 17.93 3.45
C GLN D 65 -15.14 17.94 2.02
N GLN D 66 -14.58 17.12 1.15
CA GLN D 66 -15.12 17.06 -0.22
C GLN D 66 -16.52 16.54 -0.25
N GLN D 67 -16.86 15.55 0.61
CA GLN D 67 -18.15 14.90 0.52
C GLN D 67 -19.27 15.76 1.11
N GLN D 68 -18.92 16.55 2.13
CA GLN D 68 -19.82 17.59 2.62
C GLN D 68 -20.19 18.62 1.56
N GLN D 69 -19.31 18.85 0.57
CA GLN D 69 -19.64 19.83 -0.54
C GLN D 69 -20.23 19.26 -1.87
N GLN D 70 -20.58 17.96 -1.89
CA GLN D 70 -20.87 17.16 -3.12
C GLN D 70 -20.02 17.56 -4.35
#